data_5KVE
#
_entry.id   5KVE
#
_cell.length_a   63.240
_cell.length_b   87.980
_cell.length_c   147.520
_cell.angle_alpha   90.00
_cell.angle_beta   90.00
_cell.angle_gamma   90.00
#
_symmetry.space_group_name_H-M   'C 2 2 21'
#
loop_
_entity.id
_entity.type
_entity.pdbx_description
1 polymer 'Genome polyprotein'
2 polymer 'ZV-48 Antibody scFv'
3 non-polymer 'SODIUM ION'
4 non-polymer 'SULFATE ION'
5 non-polymer 'ACETATE ION'
6 non-polymer 1,2-ETHANEDIOL
7 water water
#
loop_
_entity_poly.entity_id
_entity_poly.type
_entity_poly.pdbx_seq_one_letter_code
_entity_poly.pdbx_strand_id
1 'polypeptide(L)'
;MRLKGVSYSLCTAAFTFTKIPAETLHGTVTVEVQYAGTDGPCKVPAQMAVDMQTLTPVGRLITANPVITESTENSKMMLE
LDPPFGDSYIVIGVGEKKITHHWHRSGSTI
;
E
2 'polypeptide(L)'
;MDIVMSQSPSSLAVSVGEKITMSCKSSQSLLYSNNEKNYLAWYQQKPGQSPKLLIYWASARDSGVPDRFTGSGSGTDFTL
TISSVKAEDLAVFYCQQYYSYPYTFGGGTKLEIKGGGGSGGGGSGGGGSQVQLQQPGAELLKPGASVKLSCKASGYSFSN
YWMHWVKQRPGQGPEWIGMIHPNSGNTKYNEKFKNKATLTVDKSSSMVYMQLSSLTSEDSAVFYCARLGNDMDYWGQGTS
VTVSS
;
L
#
# COMPACT_ATOMS: atom_id res chain seq x y z
N VAL A 6 14.31 -22.96 14.92
CA VAL A 6 14.59 -23.56 13.62
C VAL A 6 13.98 -22.72 12.49
N SER A 7 14.82 -22.31 11.55
CA SER A 7 14.40 -21.48 10.44
C SER A 7 14.84 -22.10 9.12
N TYR A 8 14.11 -21.78 8.06
CA TYR A 8 14.44 -22.19 6.70
C TYR A 8 14.29 -20.99 5.78
N SER A 9 14.96 -21.06 4.64
CA SER A 9 14.74 -20.07 3.60
C SER A 9 13.38 -20.30 2.95
N LEU A 10 12.85 -19.24 2.32
CA LEU A 10 11.55 -19.33 1.68
C LEU A 10 11.56 -20.36 0.56
N CYS A 11 10.49 -21.15 0.46
CA CYS A 11 10.29 -22.00 -0.70
C CYS A 11 10.26 -21.17 -1.97
N THR A 12 10.96 -21.63 -2.99
CA THR A 12 11.12 -20.86 -4.22
C THR A 12 10.19 -21.28 -5.35
N ALA A 13 9.68 -22.51 -5.32
CA ALA A 13 8.92 -23.05 -6.44
C ALA A 13 7.43 -22.82 -6.23
N ALA A 14 6.61 -23.37 -7.14
CA ALA A 14 5.18 -23.09 -7.17
C ALA A 14 4.41 -24.06 -6.29
N PHE A 15 3.37 -23.54 -5.64
CA PHE A 15 2.43 -24.34 -4.87
C PHE A 15 1.15 -24.55 -5.67
N THR A 16 0.38 -25.55 -5.24
CA THR A 16 -0.93 -25.83 -5.82
C THR A 16 -1.86 -26.28 -4.71
N PHE A 17 -3.07 -25.71 -4.68
CA PHE A 17 -4.09 -26.21 -3.76
C PHE A 17 -4.49 -27.62 -4.14
N THR A 18 -4.45 -28.53 -3.16
CA THR A 18 -4.90 -29.90 -3.41
C THR A 18 -6.41 -30.05 -3.29
N LYS A 19 -7.07 -29.12 -2.60
CA LYS A 19 -8.52 -29.18 -2.44
C LYS A 19 -9.01 -27.79 -2.07
N ILE A 20 -10.33 -27.62 -2.11
CA ILE A 20 -10.91 -26.31 -1.80
C ILE A 20 -10.59 -25.94 -0.36
N PRO A 21 -10.15 -24.72 -0.07
CA PRO A 21 -9.98 -24.33 1.33
C PRO A 21 -11.30 -24.49 2.07
N ALA A 22 -11.20 -24.93 3.32
CA ALA A 22 -12.39 -25.35 4.07
C ALA A 22 -12.39 -24.69 5.43
N GLU A 23 -13.56 -24.22 5.84
CA GLU A 23 -13.70 -23.63 7.17
C GLU A 23 -13.60 -24.74 8.22
N THR A 24 -12.79 -24.48 9.24
CA THR A 24 -12.71 -25.40 10.37
C THR A 24 -13.90 -25.17 11.29
N LEU A 25 -14.03 -26.02 12.31
CA LEU A 25 -15.08 -25.79 13.29
C LEU A 25 -14.81 -24.53 14.11
N HIS A 26 -13.56 -24.05 14.15
CA HIS A 26 -13.22 -22.85 14.89
C HIS A 26 -13.47 -21.57 14.10
N GLY A 27 -14.01 -21.67 12.89
CA GLY A 27 -14.15 -20.51 12.03
C GLY A 27 -12.88 -20.14 11.29
N THR A 28 -11.76 -20.82 11.56
CA THR A 28 -10.55 -20.62 10.78
C THR A 28 -10.66 -21.37 9.46
N VAL A 29 -9.59 -21.33 8.67
CA VAL A 29 -9.56 -21.97 7.36
C VAL A 29 -8.35 -22.89 7.31
N THR A 30 -8.58 -24.12 6.89
CA THR A 30 -7.48 -25.05 6.64
C THR A 30 -7.22 -25.12 5.14
N VAL A 31 -5.96 -25.22 4.77
CA VAL A 31 -5.51 -25.26 3.39
C VAL A 31 -4.48 -26.36 3.26
N GLU A 32 -4.58 -27.14 2.19
CA GLU A 32 -3.55 -28.12 1.85
C GLU A 32 -2.98 -27.74 0.50
N VAL A 33 -1.65 -27.73 0.41
CA VAL A 33 -0.95 -27.36 -0.81
C VAL A 33 0.05 -28.44 -1.17
N GLN A 34 0.29 -28.59 -2.47
CA GLN A 34 1.33 -29.46 -3.00
C GLN A 34 2.44 -28.59 -3.57
N TYR A 35 3.69 -28.96 -3.29
CA TYR A 35 4.85 -28.13 -3.62
C TYR A 35 5.68 -28.81 -4.70
N ALA A 36 5.87 -28.12 -5.81
CA ALA A 36 6.56 -28.68 -6.97
C ALA A 36 8.08 -28.64 -6.85
N GLY A 37 8.61 -27.95 -5.85
CA GLY A 37 10.05 -27.76 -5.77
C GLY A 37 10.78 -28.90 -5.07
N THR A 38 12.12 -28.85 -5.17
CA THR A 38 12.99 -29.81 -4.51
C THR A 38 13.95 -29.13 -3.54
N ASP A 39 13.73 -27.87 -3.21
CA ASP A 39 14.57 -27.15 -2.28
C ASP A 39 14.16 -27.35 -0.82
N GLY A 40 13.20 -28.23 -0.56
CA GLY A 40 12.79 -28.53 0.80
C GLY A 40 13.88 -29.21 1.61
N PRO A 41 13.86 -29.05 2.94
CA PRO A 41 12.86 -28.28 3.71
C PRO A 41 12.93 -26.77 3.48
N CYS A 42 11.78 -26.12 3.42
CA CYS A 42 11.75 -24.69 3.14
C CYS A 42 10.50 -24.08 3.74
N LYS A 43 10.55 -22.76 3.89
CA LYS A 43 9.49 -21.99 4.54
C LYS A 43 8.39 -21.66 3.53
N VAL A 44 7.16 -22.08 3.83
CA VAL A 44 6.02 -21.79 2.96
C VAL A 44 5.59 -20.35 3.16
N PRO A 45 5.62 -19.52 2.12
CA PRO A 45 5.06 -18.16 2.23
C PRO A 45 3.54 -18.23 2.23
N ALA A 46 2.93 -17.66 3.26
CA ALA A 46 1.48 -17.75 3.40
C ALA A 46 0.96 -16.51 4.12
N GLN A 47 -0.12 -15.94 3.59
CA GLN A 47 -0.75 -14.79 4.20
C GLN A 47 -2.18 -14.68 3.67
N MET A 48 -2.90 -13.72 4.22
CA MET A 48 -4.14 -13.27 3.62
C MET A 48 -4.07 -11.78 3.39
N ALA A 49 -4.82 -11.31 2.40
CA ALA A 49 -4.84 -9.91 2.02
C ALA A 49 -6.20 -9.62 1.42
N VAL A 50 -6.62 -8.36 1.52
CA VAL A 50 -7.82 -7.94 0.79
C VAL A 50 -7.47 -7.33 -0.55
N ASP A 51 -6.22 -6.92 -0.75
CA ASP A 51 -5.77 -6.21 -1.94
C ASP A 51 -4.53 -6.90 -2.47
N MET A 52 -4.66 -7.56 -3.62
CA MET A 52 -3.52 -8.26 -4.21
C MET A 52 -2.44 -7.32 -4.70
N GLN A 53 -2.79 -6.05 -4.96
CA GLN A 53 -1.78 -5.12 -5.45
C GLN A 53 -0.75 -4.77 -4.37
N THR A 54 -1.20 -4.58 -3.14
CA THR A 54 -0.30 -4.21 -2.05
C THR A 54 0.15 -5.39 -1.21
N LEU A 55 -0.65 -6.46 -1.18
CA LEU A 55 -0.43 -7.62 -0.30
C LEU A 55 -0.33 -7.21 1.17
N THR A 56 -0.94 -6.07 1.53
CA THR A 56 -0.99 -5.70 2.93
C THR A 56 -1.62 -6.83 3.74
N PRO A 57 -0.96 -7.33 4.77
CA PRO A 57 -1.48 -8.51 5.47
C PRO A 57 -2.73 -8.21 6.25
N VAL A 58 -3.68 -9.15 6.23
CA VAL A 58 -4.87 -9.11 7.06
C VAL A 58 -4.99 -10.48 7.72
N GLY A 59 -5.73 -10.52 8.83
CA GLY A 59 -5.82 -11.77 9.58
C GLY A 59 -4.44 -12.22 10.03
N ARG A 60 -4.28 -13.53 10.20
CA ARG A 60 -2.97 -14.07 10.54
C ARG A 60 -2.94 -15.56 10.28
N LEU A 61 -1.73 -16.09 10.26
CA LEU A 61 -1.48 -17.51 10.09
C LEU A 61 -1.59 -18.19 11.45
N ILE A 62 -2.36 -19.28 11.53
CA ILE A 62 -2.39 -20.07 12.75
C ILE A 62 -1.16 -20.96 12.84
N THR A 63 -0.83 -21.63 11.73
CA THR A 63 0.33 -22.51 11.68
C THR A 63 1.60 -21.75 12.00
N ALA A 64 2.25 -22.13 13.11
CA ALA A 64 3.54 -21.56 13.47
C ALA A 64 4.62 -22.22 12.62
N ASN A 65 5.32 -21.42 11.82
CA ASN A 65 6.40 -21.85 10.95
C ASN A 65 5.92 -22.92 9.98
N PRO A 66 5.06 -22.58 9.02
CA PRO A 66 4.65 -23.57 8.01
C PRO A 66 5.82 -23.92 7.11
N VAL A 67 6.08 -25.21 6.97
CA VAL A 67 7.25 -25.68 6.22
C VAL A 67 6.87 -26.84 5.33
N ILE A 68 7.52 -26.90 4.18
CA ILE A 68 7.62 -28.14 3.41
C ILE A 68 8.79 -28.92 3.98
N THR A 69 8.54 -30.14 4.46
CA THR A 69 9.57 -30.88 5.18
C THR A 69 10.37 -31.82 4.30
N GLU A 70 9.86 -32.19 3.13
CA GLU A 70 10.54 -33.14 2.25
C GLU A 70 11.34 -32.40 1.19
N SER A 71 12.43 -33.02 0.76
CA SER A 71 13.24 -32.51 -0.34
C SER A 71 12.80 -33.03 -1.69
N THR A 72 11.85 -33.95 -1.73
CA THR A 72 11.35 -34.51 -2.98
C THR A 72 10.20 -33.68 -3.50
N GLU A 73 10.01 -33.72 -4.82
CA GLU A 73 8.96 -32.92 -5.45
C GLU A 73 7.58 -33.45 -5.08
N ASN A 74 6.60 -32.56 -5.17
CA ASN A 74 5.18 -32.89 -5.03
C ASN A 74 4.80 -33.38 -3.63
N SER A 75 5.56 -32.96 -2.61
CA SER A 75 5.10 -33.22 -1.26
C SER A 75 3.97 -32.24 -0.90
N LYS A 76 3.21 -32.60 0.12
CA LYS A 76 2.07 -31.81 0.55
C LYS A 76 2.23 -31.37 2.00
N MET A 77 1.62 -30.24 2.32
CA MET A 77 1.52 -29.80 3.70
C MET A 77 0.20 -29.07 3.89
N MET A 78 -0.24 -29.02 5.14
CA MET A 78 -1.44 -28.28 5.52
C MET A 78 -1.06 -27.10 6.38
N LEU A 79 -1.78 -26.00 6.20
CA LEU A 79 -1.64 -24.86 7.09
C LEU A 79 -3.02 -24.30 7.42
N GLU A 80 -3.11 -23.65 8.56
CA GLU A 80 -4.36 -23.08 9.04
C GLU A 80 -4.22 -21.56 9.11
N LEU A 81 -5.23 -20.85 8.63
CA LEU A 81 -5.23 -19.39 8.63
C LEU A 81 -6.43 -18.87 9.41
N ASP A 82 -6.26 -17.69 10.02
CA ASP A 82 -7.31 -17.00 10.74
C ASP A 82 -7.74 -15.80 9.91
N PRO A 83 -8.75 -15.96 9.04
CA PRO A 83 -9.07 -14.89 8.10
C PRO A 83 -9.79 -13.73 8.78
N PRO A 84 -9.74 -12.55 8.18
CA PRO A 84 -10.48 -11.41 8.74
C PRO A 84 -11.97 -11.56 8.46
N PHE A 85 -12.73 -10.73 9.18
CA PHE A 85 -14.12 -10.47 8.87
C PHE A 85 -14.29 -10.14 7.39
N GLY A 86 -15.31 -10.73 6.76
CA GLY A 86 -15.65 -10.37 5.40
C GLY A 86 -14.89 -11.11 4.31
N ASP A 87 -14.49 -10.39 3.28
CA ASP A 87 -13.85 -10.99 2.11
C ASP A 87 -12.34 -10.77 2.15
N SER A 88 -11.60 -11.77 1.68
CA SER A 88 -10.15 -11.68 1.63
C SER A 88 -9.63 -12.70 0.62
N TYR A 89 -8.32 -12.69 0.41
CA TYR A 89 -7.64 -13.67 -0.43
C TYR A 89 -6.67 -14.47 0.42
N ILE A 90 -6.67 -15.78 0.23
CA ILE A 90 -5.59 -16.63 0.74
C ILE A 90 -4.48 -16.61 -0.32
N VAL A 91 -3.27 -16.26 0.10
CA VAL A 91 -2.14 -16.12 -0.81
C VAL A 91 -1.02 -17.03 -0.36
N ILE A 92 -0.68 -18.02 -1.18
CA ILE A 92 0.39 -18.96 -0.90
C ILE A 92 1.50 -18.74 -1.92
N GLY A 93 2.74 -18.68 -1.45
CA GLY A 93 3.87 -18.49 -2.32
C GLY A 93 4.18 -17.03 -2.55
N VAL A 94 5.26 -16.79 -3.28
CA VAL A 94 5.71 -15.45 -3.61
C VAL A 94 5.99 -15.40 -5.11
N GLY A 95 6.06 -14.17 -5.62
CA GLY A 95 6.35 -13.97 -7.02
C GLY A 95 5.16 -14.20 -7.92
N GLU A 96 5.45 -14.32 -9.21
CA GLU A 96 4.41 -14.43 -10.23
C GLU A 96 3.63 -15.74 -10.11
N LYS A 97 4.26 -16.78 -9.55
CA LYS A 97 3.64 -18.09 -9.47
C LYS A 97 2.87 -18.31 -8.17
N LYS A 98 2.68 -17.26 -7.37
CA LYS A 98 1.87 -17.38 -6.17
C LYS A 98 0.43 -17.76 -6.55
N ILE A 99 -0.23 -18.46 -5.64
CA ILE A 99 -1.60 -18.90 -5.86
C ILE A 99 -2.50 -18.16 -4.88
N THR A 100 -3.75 -17.94 -5.30
CA THR A 100 -4.72 -17.19 -4.51
C THR A 100 -6.08 -17.88 -4.57
N HIS A 101 -6.84 -17.73 -3.49
CA HIS A 101 -8.20 -18.23 -3.46
C HIS A 101 -9.04 -17.27 -2.63
N HIS A 102 -10.16 -16.83 -3.18
CA HIS A 102 -11.01 -15.90 -2.46
C HIS A 102 -11.67 -16.60 -1.27
N TRP A 103 -11.80 -15.88 -0.17
CA TRP A 103 -12.41 -16.43 1.03
C TRP A 103 -13.41 -15.43 1.60
N HIS A 104 -14.54 -15.94 2.07
CA HIS A 104 -15.55 -15.14 2.76
C HIS A 104 -15.76 -15.70 4.14
N ARG A 105 -15.55 -14.87 5.16
CA ARG A 105 -15.81 -15.24 6.54
C ARG A 105 -17.03 -14.50 7.06
N SER A 106 -18.10 -15.25 7.33
CA SER A 106 -19.24 -14.82 8.15
C SER A 106 -20.30 -15.90 8.15
N MET B 1 -3.23 -0.37 17.01
CA MET B 1 -2.47 0.86 17.21
C MET B 1 -1.83 1.31 15.90
N ASP B 2 -2.18 2.52 15.46
CA ASP B 2 -1.68 3.03 14.18
C ASP B 2 -0.15 3.13 14.20
N ILE B 3 0.45 2.88 13.05
CA ILE B 3 1.90 3.01 12.91
C ILE B 3 2.24 4.46 12.64
N VAL B 4 3.23 4.98 13.36
CA VAL B 4 3.69 6.35 13.22
C VAL B 4 4.98 6.36 12.43
N MET B 5 5.02 7.13 11.35
CA MET B 5 6.20 7.28 10.51
C MET B 5 6.86 8.62 10.80
N SER B 6 8.17 8.60 11.03
CA SER B 6 8.93 9.79 11.38
C SER B 6 10.08 9.95 10.40
N GLN B 7 10.23 11.15 9.85
CA GLN B 7 11.29 11.43 8.88
C GLN B 7 12.22 12.49 9.42
N SER B 8 13.48 12.42 8.98
CA SER B 8 14.48 13.41 9.30
C SER B 8 15.52 13.47 8.19
N PRO B 9 16.03 14.67 7.88
CA PRO B 9 15.62 15.95 8.47
C PRO B 9 14.34 16.47 7.85
N SER B 10 13.71 17.46 8.49
CA SER B 10 12.51 18.05 7.91
C SER B 10 12.80 18.72 6.58
N SER B 11 13.99 19.30 6.42
CA SER B 11 14.35 19.97 5.19
C SER B 11 15.85 19.80 4.96
N LEU B 12 16.24 19.83 3.69
CA LEU B 12 17.63 19.62 3.29
C LEU B 12 17.96 20.57 2.16
N ALA B 13 18.97 21.41 2.36
CA ALA B 13 19.41 22.39 1.36
C ALA B 13 20.77 21.96 0.83
N VAL B 14 20.83 21.57 -0.44
CA VAL B 14 22.05 21.04 -1.03
C VAL B 14 22.26 21.67 -2.41
N SER B 15 23.52 21.62 -2.85
CA SER B 15 23.89 22.09 -4.18
C SER B 15 23.82 20.93 -5.17
N VAL B 16 23.61 21.29 -6.44
CA VAL B 16 23.52 20.28 -7.49
C VAL B 16 24.78 19.42 -7.50
N GLY B 17 24.59 18.10 -7.54
CA GLY B 17 25.69 17.17 -7.57
C GLY B 17 26.01 16.51 -6.25
N GLU B 18 25.51 17.05 -5.14
CA GLU B 18 25.77 16.47 -3.83
C GLU B 18 25.08 15.12 -3.68
N LYS B 19 25.63 14.30 -2.79
CA LYS B 19 25.01 13.06 -2.36
C LYS B 19 24.32 13.29 -1.03
N ILE B 20 23.06 12.88 -0.92
CA ILE B 20 22.28 13.12 0.28
C ILE B 20 21.66 11.82 0.77
N THR B 21 21.29 11.82 2.04
CA THR B 21 20.62 10.71 2.71
C THR B 21 19.48 11.27 3.55
N MET B 22 18.36 10.57 3.57
CA MET B 22 17.26 10.97 4.43
C MET B 22 16.68 9.74 5.10
N SER B 23 16.21 9.94 6.32
CA SER B 23 15.85 8.84 7.21
C SER B 23 14.34 8.75 7.38
N CYS B 24 13.87 7.53 7.52
CA CYS B 24 12.47 7.26 7.84
C CYS B 24 12.44 6.17 8.90
N LYS B 25 11.75 6.44 10.02
CA LYS B 25 11.61 5.49 11.10
C LYS B 25 10.14 5.18 11.34
N SER B 26 9.82 3.91 11.51
CA SER B 26 8.48 3.48 11.83
C SER B 26 8.38 3.07 13.29
N SER B 27 7.22 3.32 13.90
CA SER B 27 7.01 2.95 15.29
C SER B 27 6.86 1.45 15.45
N GLN B 28 6.57 0.72 14.38
CA GLN B 28 6.46 -0.73 14.39
C GLN B 28 7.22 -1.28 13.19
N SER B 29 7.72 -2.50 13.34
CA SER B 29 8.48 -3.11 12.25
C SER B 29 7.57 -3.33 11.05
N LEU B 30 8.10 -2.99 9.87
CA LEU B 30 7.40 -3.17 8.62
C LEU B 30 7.85 -4.44 7.88
N LEU B 31 8.73 -5.22 8.50
CA LEU B 31 9.19 -6.48 7.94
C LEU B 31 8.19 -7.58 8.30
N TYR B 32 7.48 -8.07 7.30
CA TYR B 32 6.49 -9.14 7.49
C TYR B 32 7.22 -10.48 7.41
N SER B 33 7.26 -11.20 8.52
CA SER B 33 8.04 -12.44 8.56
C SER B 33 7.50 -13.49 7.60
N ASN B 34 6.19 -13.47 7.33
CA ASN B 34 5.60 -14.53 6.51
C ASN B 34 6.22 -14.60 5.13
N ASN B 35 6.46 -13.44 4.51
CA ASN B 35 7.05 -13.38 3.17
C ASN B 35 8.36 -12.60 3.14
N GLU B 36 8.83 -12.10 4.28
CA GLU B 36 10.14 -11.47 4.40
C GLU B 36 10.26 -10.19 3.56
N LYS B 37 9.14 -9.51 3.37
CA LYS B 37 9.12 -8.23 2.67
C LYS B 37 8.99 -7.08 3.66
N ASN B 38 9.64 -5.96 3.33
CA ASN B 38 9.48 -4.71 4.07
C ASN B 38 8.42 -3.88 3.38
N TYR B 39 7.30 -3.64 4.06
CA TYR B 39 6.17 -2.91 3.48
C TYR B 39 6.37 -1.41 3.65
N LEU B 40 7.37 -0.89 2.93
CA LEU B 40 7.79 0.49 3.04
C LEU B 40 7.94 1.09 1.64
N ALA B 41 7.39 2.28 1.44
CA ALA B 41 7.46 2.97 0.16
C ALA B 41 8.00 4.37 0.34
N TRP B 42 8.67 4.87 -0.70
CA TRP B 42 9.13 6.25 -0.76
C TRP B 42 8.42 6.97 -1.90
N TYR B 43 7.84 8.13 -1.59
CA TYR B 43 7.15 8.96 -2.58
C TYR B 43 7.88 10.28 -2.75
N GLN B 44 7.88 10.78 -3.98
CA GLN B 44 8.43 12.08 -4.33
C GLN B 44 7.30 12.97 -4.83
N GLN B 45 7.20 14.18 -4.28
CA GLN B 45 6.17 15.13 -4.69
C GLN B 45 6.85 16.41 -5.16
N LYS B 46 6.94 16.57 -6.48
CA LYS B 46 7.50 17.76 -7.08
C LYS B 46 6.49 18.91 -7.04
N PRO B 47 6.95 20.15 -7.18
CA PRO B 47 6.03 21.29 -7.18
C PRO B 47 4.97 21.16 -8.25
N GLY B 48 3.71 21.38 -7.84
CA GLY B 48 2.60 21.34 -8.76
C GLY B 48 2.15 19.97 -9.18
N GLN B 49 2.70 18.91 -8.59
CA GLN B 49 2.39 17.54 -8.97
C GLN B 49 1.84 16.74 -7.80
N SER B 50 1.24 15.61 -8.13
CA SER B 50 0.84 14.63 -7.15
C SER B 50 2.05 13.85 -6.67
N PRO B 51 1.96 13.21 -5.49
CA PRO B 51 3.02 12.30 -5.07
C PRO B 51 3.22 11.21 -6.12
N LYS B 52 4.48 10.82 -6.31
CA LYS B 52 4.85 9.80 -7.28
C LYS B 52 5.71 8.75 -6.59
N LEU B 53 5.36 7.49 -6.77
CA LEU B 53 6.12 6.41 -6.12
C LEU B 53 7.52 6.32 -6.71
N LEU B 54 8.53 6.29 -5.85
CA LEU B 54 9.90 6.06 -6.25
C LEU B 54 10.37 4.65 -5.91
N ILE B 55 10.14 4.22 -4.67
CA ILE B 55 10.65 2.96 -4.16
C ILE B 55 9.51 2.23 -3.46
N TYR B 56 9.40 0.92 -3.70
CA TYR B 56 8.51 0.06 -2.94
C TYR B 56 9.29 -1.16 -2.47
N TRP B 57 8.67 -1.94 -1.57
CA TRP B 57 9.35 -3.04 -0.87
C TRP B 57 10.69 -2.57 -0.29
N ALA B 58 10.72 -1.31 0.17
CA ALA B 58 11.88 -0.67 0.80
C ALA B 58 13.03 -0.39 -0.17
N SER B 59 13.25 -1.26 -1.16
CA SER B 59 14.40 -1.11 -2.03
C SER B 59 14.13 -1.29 -3.51
N ALA B 60 12.91 -1.65 -3.92
CA ALA B 60 12.63 -1.87 -5.33
C ALA B 60 12.33 -0.54 -6.01
N ARG B 61 13.05 -0.26 -7.10
CA ARG B 61 12.84 0.98 -7.85
C ARG B 61 11.68 0.81 -8.82
N ASP B 62 10.77 1.76 -8.82
CA ASP B 62 9.69 1.76 -9.80
C ASP B 62 10.26 2.06 -11.18
N SER B 63 9.49 1.71 -12.21
CA SER B 63 9.96 1.92 -13.58
C SER B 63 10.23 3.40 -13.83
N GLY B 64 11.33 3.66 -14.56
CA GLY B 64 11.74 5.01 -14.85
C GLY B 64 12.51 5.71 -13.75
N VAL B 65 12.61 5.12 -12.56
CA VAL B 65 13.33 5.74 -11.45
C VAL B 65 14.82 5.46 -11.61
N PRO B 66 15.66 6.50 -11.69
CA PRO B 66 17.08 6.28 -11.95
C PRO B 66 17.79 5.59 -10.80
N ASP B 67 18.96 5.01 -11.12
CA ASP B 67 19.74 4.29 -10.12
C ASP B 67 20.27 5.21 -9.02
N ARG B 68 20.34 6.52 -9.27
CA ARG B 68 20.84 7.43 -8.24
C ARG B 68 19.89 7.56 -7.06
N PHE B 69 18.67 7.07 -7.18
CA PHE B 69 17.76 6.90 -6.04
C PHE B 69 17.90 5.48 -5.52
N THR B 70 18.27 5.33 -4.26
CA THR B 70 18.45 4.02 -3.65
C THR B 70 17.75 3.97 -2.30
N GLY B 71 16.82 3.05 -2.15
CA GLY B 71 16.19 2.79 -0.86
C GLY B 71 16.87 1.62 -0.17
N SER B 72 17.05 1.75 1.14
CA SER B 72 17.68 0.71 1.94
C SER B 72 17.07 0.71 3.33
N GLY B 73 17.46 -0.28 4.13
CA GLY B 73 16.97 -0.42 5.48
C GLY B 73 16.02 -1.60 5.60
N SER B 74 15.61 -1.85 6.84
CA SER B 74 14.74 -2.97 7.15
C SER B 74 14.12 -2.75 8.51
N GLY B 75 12.99 -3.40 8.75
CA GLY B 75 12.35 -3.36 10.05
C GLY B 75 11.74 -2.02 10.37
N THR B 76 12.42 -1.24 11.21
CA THR B 76 11.91 0.07 11.63
C THR B 76 12.72 1.24 11.11
N ASP B 77 13.87 1.00 10.45
CA ASP B 77 14.79 2.06 10.08
C ASP B 77 15.08 1.97 8.58
N PHE B 78 14.76 3.04 7.85
CA PHE B 78 14.89 3.04 6.40
C PHE B 78 15.60 4.32 5.95
N THR B 79 16.18 4.24 4.75
CA THR B 79 17.01 5.31 4.22
C THR B 79 16.75 5.46 2.73
N LEU B 80 16.60 6.70 2.28
CA LEU B 80 16.58 7.02 0.86
C LEU B 80 17.84 7.81 0.54
N THR B 81 18.65 7.29 -0.38
CA THR B 81 19.89 7.95 -0.79
C THR B 81 19.75 8.47 -2.21
N ILE B 82 20.17 9.71 -2.43
CA ILE B 82 20.26 10.29 -3.76
C ILE B 82 21.73 10.55 -4.02
N SER B 83 22.33 9.75 -4.91
CA SER B 83 23.79 9.73 -5.05
C SER B 83 24.33 11.01 -5.66
N SER B 84 23.56 11.68 -6.50
CA SER B 84 24.04 12.89 -7.18
C SER B 84 22.83 13.76 -7.54
N VAL B 85 22.56 14.76 -6.68
CA VAL B 85 21.31 15.50 -6.77
C VAL B 85 21.27 16.36 -8.03
N LYS B 86 20.13 16.34 -8.73
CA LYS B 86 19.87 17.23 -9.84
C LYS B 86 18.88 18.31 -9.40
N ALA B 87 18.89 19.44 -10.11
CA ALA B 87 17.95 20.51 -9.81
C ALA B 87 16.51 20.02 -9.94
N GLU B 88 16.24 19.12 -10.89
CA GLU B 88 14.88 18.63 -11.09
C GLU B 88 14.40 17.79 -9.92
N ASP B 89 15.30 17.35 -9.03
CA ASP B 89 14.89 16.51 -7.92
C ASP B 89 14.17 17.28 -6.81
N LEU B 90 14.17 18.61 -6.87
CA LEU B 90 13.51 19.43 -5.86
C LEU B 90 12.09 18.93 -5.62
N ALA B 91 11.79 18.58 -4.38
CA ALA B 91 10.54 17.94 -4.03
C ALA B 91 10.50 17.76 -2.52
N VAL B 92 9.32 17.36 -2.02
CA VAL B 92 9.20 16.79 -0.69
C VAL B 92 9.10 15.28 -0.85
N PHE B 93 9.93 14.55 -0.10
CA PHE B 93 9.95 13.11 -0.14
C PHE B 93 9.23 12.56 1.08
N TYR B 94 8.25 11.68 0.85
CA TYR B 94 7.48 11.06 1.92
C TYR B 94 7.72 9.56 1.92
N CYS B 95 7.97 9.01 3.09
CA CYS B 95 7.89 7.56 3.24
C CYS B 95 6.49 7.18 3.68
N GLN B 96 6.12 5.93 3.39
CA GLN B 96 4.78 5.46 3.67
C GLN B 96 4.86 3.98 4.01
N GLN B 97 4.17 3.57 5.07
CA GLN B 97 4.05 2.16 5.39
C GLN B 97 2.73 1.63 4.86
N TYR B 98 2.77 0.44 4.26
CA TYR B 98 1.56 -0.27 3.89
C TYR B 98 1.56 -1.65 4.52
N TYR B 99 2.18 -1.75 5.70
CA TYR B 99 2.19 -2.98 6.48
C TYR B 99 0.84 -3.24 7.14
N SER B 100 0.12 -2.17 7.48
CA SER B 100 -1.13 -2.31 8.22
C SER B 100 -2.05 -1.16 7.87
N TYR B 101 -3.35 -1.45 7.82
CA TYR B 101 -4.36 -0.40 7.70
C TYR B 101 -4.62 0.20 9.08
N PRO B 102 -4.73 1.54 9.16
CA PRO B 102 -4.65 2.51 8.06
C PRO B 102 -3.22 2.78 7.61
N TYR B 103 -3.04 2.98 6.30
CA TYR B 103 -1.74 3.41 5.80
C TYR B 103 -1.39 4.77 6.41
N THR B 104 -0.11 4.97 6.69
CA THR B 104 0.36 6.21 7.29
C THR B 104 1.62 6.68 6.60
N PHE B 105 1.77 8.00 6.51
CA PHE B 105 2.89 8.66 5.84
C PHE B 105 3.75 9.38 6.86
N GLY B 106 5.03 9.53 6.53
CA GLY B 106 5.89 10.40 7.31
C GLY B 106 5.61 11.87 7.02
N GLY B 107 6.19 12.73 7.84
CA GLY B 107 6.03 14.16 7.68
C GLY B 107 6.80 14.78 6.52
N GLY B 108 7.67 14.00 5.89
CA GLY B 108 8.35 14.45 4.69
C GLY B 108 9.71 15.06 4.98
N THR B 109 10.59 14.94 3.98
CA THR B 109 11.86 15.67 3.95
C THR B 109 11.83 16.58 2.72
N LYS B 110 11.87 17.88 2.95
CA LYS B 110 11.81 18.85 1.87
C LYS B 110 13.22 19.05 1.31
N LEU B 111 13.44 18.62 0.08
CA LEU B 111 14.73 18.78 -0.59
C LEU B 111 14.74 20.13 -1.30
N GLU B 112 15.57 21.05 -0.82
CA GLU B 112 15.72 22.36 -1.41
C GLU B 112 17.07 22.46 -2.12
N ILE B 113 17.07 23.09 -3.29
CA ILE B 113 18.25 23.21 -4.11
C ILE B 113 18.76 24.63 -4.02
N LYS B 114 19.94 24.81 -3.42
CA LYS B 114 20.60 26.10 -3.46
C LYS B 114 21.51 26.17 -4.69
N GLY B 115 22.67 25.53 -4.62
CA GLY B 115 23.57 25.46 -5.75
C GLY B 115 23.12 24.43 -6.77
N GLN B 130 -0.85 4.93 -19.45
CA GLN B 130 -2.18 5.07 -20.03
C GLN B 130 -3.26 5.12 -18.94
N VAL B 131 -2.91 4.69 -17.73
CA VAL B 131 -3.82 4.80 -16.60
C VAL B 131 -4.06 6.27 -16.29
N GLN B 132 -5.33 6.66 -16.22
CA GLN B 132 -5.71 8.03 -15.92
C GLN B 132 -6.75 8.03 -14.80
N LEU B 133 -6.52 8.86 -13.79
CA LEU B 133 -7.49 9.10 -12.71
C LEU B 133 -7.78 10.59 -12.73
N GLN B 134 -8.92 10.98 -13.30
CA GLN B 134 -9.22 12.38 -13.53
C GLN B 134 -10.11 12.93 -12.42
N GLN B 135 -9.70 14.05 -11.83
CA GLN B 135 -10.42 14.69 -10.74
C GLN B 135 -10.69 16.15 -11.12
N PRO B 136 -11.81 16.70 -10.66
CA PRO B 136 -12.19 18.07 -11.06
C PRO B 136 -11.33 19.11 -10.36
N GLY B 137 -11.49 20.35 -10.81
CA GLY B 137 -10.76 21.47 -10.25
C GLY B 137 -11.28 21.89 -8.89
N ALA B 138 -10.72 22.98 -8.37
CA ALA B 138 -10.89 23.34 -6.97
C ALA B 138 -12.34 23.57 -6.62
N GLU B 139 -12.73 23.12 -5.43
CA GLU B 139 -13.98 23.54 -4.87
C GLU B 139 -13.73 24.56 -3.79
N LEU B 140 -14.69 25.46 -3.61
CA LEU B 140 -14.74 26.36 -2.46
C LEU B 140 -16.15 26.28 -1.85
N LEU B 141 -16.21 26.00 -0.55
CA LEU B 141 -17.48 25.78 0.13
C LEU B 141 -17.49 26.41 1.52
N LYS B 142 -18.68 26.55 2.03
CA LYS B 142 -19.02 27.16 3.30
C LYS B 142 -18.98 26.11 4.41
N PRO B 143 -18.64 26.52 5.64
CA PRO B 143 -18.66 25.56 6.75
C PRO B 143 -20.05 24.97 6.92
N GLY B 144 -20.10 23.68 7.23
CA GLY B 144 -21.35 22.98 7.38
C GLY B 144 -21.88 22.33 6.11
N ALA B 145 -21.33 22.68 4.95
CA ALA B 145 -21.79 22.09 3.70
C ALA B 145 -21.18 20.70 3.52
N SER B 146 -21.55 20.05 2.41
CA SER B 146 -20.97 18.78 2.00
C SER B 146 -20.51 18.91 0.56
N VAL B 147 -19.64 18.00 0.14
CA VAL B 147 -19.13 18.00 -1.22
C VAL B 147 -18.87 16.57 -1.65
N LYS B 148 -19.22 16.27 -2.89
CA LYS B 148 -19.03 14.92 -3.46
C LYS B 148 -17.92 15.00 -4.50
N LEU B 149 -16.73 14.56 -4.12
CA LEU B 149 -15.58 14.57 -5.02
C LEU B 149 -15.60 13.35 -5.93
N SER B 150 -15.19 13.55 -7.17
CA SER B 150 -15.29 12.50 -8.19
C SER B 150 -13.91 12.11 -8.69
N CYS B 151 -13.83 10.87 -9.17
CA CYS B 151 -12.57 10.31 -9.66
C CYS B 151 -12.92 9.41 -10.84
N LYS B 152 -12.58 9.83 -12.05
CA LYS B 152 -12.93 9.11 -13.27
C LYS B 152 -11.73 8.28 -13.70
N ALA B 153 -11.90 6.97 -13.76
CA ALA B 153 -10.80 6.06 -14.03
C ALA B 153 -10.84 5.56 -15.47
N SER B 154 -9.66 5.44 -16.08
CA SER B 154 -9.56 4.92 -17.44
C SER B 154 -8.17 4.35 -17.65
N GLY B 155 -8.03 3.56 -18.71
CA GLY B 155 -6.75 2.97 -19.07
C GLY B 155 -6.44 1.65 -18.41
N TYR B 156 -7.39 1.05 -17.70
CA TYR B 156 -7.18 -0.25 -17.06
C TYR B 156 -8.55 -0.83 -16.72
N SER B 157 -8.56 -2.10 -16.33
CA SER B 157 -9.78 -2.78 -15.93
C SER B 157 -10.24 -2.26 -14.56
N PHE B 158 -11.29 -1.44 -14.58
CA PHE B 158 -11.66 -0.65 -13.40
C PHE B 158 -12.07 -1.53 -12.22
N SER B 159 -12.74 -2.66 -12.48
CA SER B 159 -13.57 -3.29 -11.46
C SER B 159 -12.75 -3.86 -10.31
N ASN B 160 -11.61 -4.49 -10.59
CA ASN B 160 -10.94 -5.31 -9.58
C ASN B 160 -9.83 -4.60 -8.81
N TYR B 161 -9.59 -3.32 -9.07
CA TYR B 161 -8.53 -2.60 -8.38
C TYR B 161 -9.11 -1.65 -7.34
N TRP B 162 -8.65 -1.80 -6.10
CA TRP B 162 -9.02 -0.88 -5.03
C TRP B 162 -8.67 0.55 -5.41
N MET B 163 -9.59 1.47 -5.10
CA MET B 163 -9.36 2.90 -5.27
C MET B 163 -9.24 3.53 -3.90
N HIS B 164 -8.13 4.22 -3.65
CA HIS B 164 -7.85 4.87 -2.38
C HIS B 164 -8.11 6.37 -2.47
N TRP B 165 -8.36 6.96 -1.30
CA TRP B 165 -8.47 8.41 -1.19
C TRP B 165 -7.50 8.92 -0.14
N VAL B 166 -6.83 10.04 -0.44
CA VAL B 166 -5.76 10.59 0.38
C VAL B 166 -6.01 12.08 0.57
N LYS B 167 -5.79 12.56 1.80
CA LYS B 167 -5.89 13.97 2.12
C LYS B 167 -4.51 14.54 2.40
N GLN B 168 -4.23 15.74 1.88
CA GLN B 168 -2.94 16.38 2.10
C GLN B 168 -3.12 17.87 2.30
N ARG B 169 -2.78 18.33 3.50
CA ARG B 169 -2.69 19.76 3.78
C ARG B 169 -1.40 20.33 3.21
N PRO B 170 -1.34 21.66 3.00
CA PRO B 170 -0.16 22.26 2.35
C PRO B 170 1.18 21.83 2.91
N GLY B 171 1.97 21.16 2.09
CA GLY B 171 3.32 20.76 2.46
C GLY B 171 3.39 19.80 3.63
N GLN B 172 2.31 19.12 3.95
CA GLN B 172 2.26 18.23 5.10
C GLN B 172 2.14 16.78 4.66
N GLY B 173 2.35 15.88 5.62
CA GLY B 173 2.25 14.46 5.38
C GLY B 173 0.85 14.06 4.95
N PRO B 174 0.76 13.33 3.85
CA PRO B 174 -0.55 12.84 3.41
C PRO B 174 -1.19 11.93 4.44
N GLU B 175 -2.52 11.88 4.41
CA GLU B 175 -3.30 11.00 5.27
C GLU B 175 -4.15 10.08 4.42
N TRP B 176 -4.14 8.80 4.74
CA TRP B 176 -4.94 7.81 4.03
C TRP B 176 -6.36 7.80 4.59
N ILE B 177 -7.33 8.13 3.74
CA ILE B 177 -8.72 8.22 4.20
C ILE B 177 -9.37 6.84 4.22
N GLY B 178 -9.15 6.05 3.19
CA GLY B 178 -9.78 4.76 3.06
C GLY B 178 -9.74 4.31 1.62
N MET B 179 -10.49 3.25 1.34
CA MET B 179 -10.46 2.68 -0.01
C MET B 179 -11.74 1.92 -0.25
N ILE B 180 -12.07 1.75 -1.53
CA ILE B 180 -13.27 1.04 -1.94
C ILE B 180 -12.92 0.14 -3.10
N HIS B 181 -13.50 -1.07 -3.12
CA HIS B 181 -13.30 -1.99 -4.23
C HIS B 181 -14.51 -1.91 -5.14
N PRO B 182 -14.35 -1.49 -6.41
CA PRO B 182 -15.53 -1.20 -7.23
C PRO B 182 -16.41 -2.41 -7.51
N ASN B 183 -15.80 -3.56 -7.73
CA ASN B 183 -16.59 -4.74 -8.12
C ASN B 183 -17.51 -5.17 -6.99
N SER B 184 -16.99 -5.25 -5.77
CA SER B 184 -17.77 -5.71 -4.63
C SER B 184 -18.43 -4.59 -3.85
N GLY B 185 -17.96 -3.35 -4.02
CA GLY B 185 -18.39 -2.26 -3.17
C GLY B 185 -17.82 -2.29 -1.77
N ASN B 186 -16.96 -3.27 -1.46
CA ASN B 186 -16.36 -3.36 -0.14
C ASN B 186 -15.51 -2.13 0.13
N THR B 187 -15.44 -1.75 1.41
CA THR B 187 -14.72 -0.54 1.79
C THR B 187 -13.88 -0.83 3.02
N LYS B 188 -12.82 -0.04 3.18
CA LYS B 188 -12.08 0.02 4.44
C LYS B 188 -11.77 1.47 4.71
N TYR B 189 -12.16 1.96 5.89
CA TYR B 189 -11.99 3.35 6.26
C TYR B 189 -10.93 3.49 7.35
N ASN B 190 -10.11 4.53 7.22
CA ASN B 190 -9.37 5.03 8.37
C ASN B 190 -10.36 5.47 9.43
N GLU B 191 -10.18 4.99 10.66
CA GLU B 191 -11.08 5.36 11.75
C GLU B 191 -11.21 6.87 11.90
N LYS B 192 -10.14 7.61 11.64
CA LYS B 192 -10.17 9.07 11.75
C LYS B 192 -11.08 9.73 10.73
N PHE B 193 -11.52 9.01 9.70
CA PHE B 193 -12.39 9.58 8.68
C PHE B 193 -13.72 8.84 8.55
N LYS B 194 -14.04 7.96 9.49
CA LYS B 194 -15.17 7.05 9.32
C LYS B 194 -16.50 7.80 9.20
N ASN B 195 -16.63 8.95 9.86
CA ASN B 195 -17.83 9.76 9.79
C ASN B 195 -17.67 11.00 8.93
N LYS B 196 -16.47 11.26 8.42
CA LYS B 196 -16.22 12.41 7.57
C LYS B 196 -16.40 12.07 6.09
N ALA B 197 -15.99 10.87 5.67
CA ALA B 197 -15.97 10.50 4.27
C ALA B 197 -16.84 9.27 4.03
N THR B 198 -17.50 9.26 2.88
CA THR B 198 -18.30 8.12 2.43
C THR B 198 -17.88 7.81 1.00
N LEU B 199 -17.39 6.59 0.78
CA LEU B 199 -16.92 6.17 -0.54
C LEU B 199 -18.00 5.38 -1.25
N THR B 200 -18.24 5.73 -2.51
CA THR B 200 -19.16 5.01 -3.37
C THR B 200 -18.56 4.89 -4.76
N VAL B 201 -19.16 4.04 -5.58
CA VAL B 201 -18.74 3.85 -6.96
C VAL B 201 -19.97 3.84 -7.86
N ASP B 202 -19.76 4.27 -9.10
CA ASP B 202 -20.72 4.08 -10.18
C ASP B 202 -20.02 3.18 -11.21
N LYS B 203 -20.35 1.89 -11.17
CA LYS B 203 -19.67 0.93 -12.04
C LYS B 203 -19.96 1.21 -13.51
N SER B 204 -21.13 1.79 -13.81
CA SER B 204 -21.50 2.06 -15.19
C SER B 204 -20.62 3.11 -15.85
N SER B 205 -19.91 3.91 -15.07
CA SER B 205 -19.12 5.01 -15.61
C SER B 205 -17.67 4.98 -15.15
N SER B 206 -17.24 3.91 -14.49
CA SER B 206 -15.88 3.82 -13.94
C SER B 206 -15.57 5.02 -13.07
N MET B 207 -16.52 5.35 -12.19
CA MET B 207 -16.45 6.54 -11.36
C MET B 207 -16.38 6.14 -9.89
N VAL B 208 -15.49 6.80 -9.15
CA VAL B 208 -15.39 6.64 -7.71
C VAL B 208 -15.69 7.99 -7.07
N TYR B 209 -16.47 7.97 -6.00
CA TYR B 209 -16.88 9.18 -5.31
C TYR B 209 -16.48 9.12 -3.84
N MET B 210 -16.13 10.29 -3.30
CA MET B 210 -15.97 10.46 -1.86
C MET B 210 -16.77 11.68 -1.44
N GLN B 211 -17.78 11.45 -0.60
CA GLN B 211 -18.61 12.52 -0.07
C GLN B 211 -18.05 12.94 1.29
N LEU B 212 -17.68 14.22 1.40
CA LEU B 212 -17.22 14.79 2.65
C LEU B 212 -18.36 15.57 3.28
N SER B 213 -18.64 15.29 4.54
CA SER B 213 -19.78 15.88 5.24
C SER B 213 -19.31 16.85 6.31
N SER B 214 -20.24 17.71 6.74
CA SER B 214 -20.04 18.63 7.86
C SER B 214 -18.70 19.37 7.74
N LEU B 215 -18.51 20.02 6.59
CA LEU B 215 -17.22 20.60 6.26
C LEU B 215 -16.85 21.72 7.22
N THR B 216 -15.58 21.73 7.63
CA THR B 216 -14.98 22.79 8.43
C THR B 216 -13.65 23.19 7.77
N SER B 217 -13.05 24.27 8.29
CA SER B 217 -11.76 24.69 7.77
C SER B 217 -10.67 23.65 7.97
N GLU B 218 -10.84 22.75 8.95
CA GLU B 218 -9.90 21.65 9.13
C GLU B 218 -9.92 20.68 7.97
N ASP B 219 -10.98 20.69 7.16
CA ASP B 219 -11.08 19.84 5.99
C ASP B 219 -10.40 20.42 4.75
N SER B 220 -10.05 21.70 4.78
CA SER B 220 -9.37 22.31 3.64
C SER B 220 -8.06 21.58 3.33
N ALA B 221 -7.96 21.03 2.13
CA ALA B 221 -6.81 20.24 1.72
C ALA B 221 -7.00 19.84 0.26
N VAL B 222 -5.96 19.26 -0.31
CA VAL B 222 -6.05 18.60 -1.60
C VAL B 222 -6.40 17.13 -1.37
N PHE B 223 -7.43 16.65 -2.05
CA PHE B 223 -7.90 15.28 -1.89
C PHE B 223 -7.59 14.51 -3.16
N TYR B 224 -6.80 13.44 -3.03
CA TYR B 224 -6.39 12.61 -4.14
C TYR B 224 -7.15 11.30 -4.14
N CYS B 225 -7.54 10.84 -5.33
CA CYS B 225 -7.84 9.44 -5.52
C CYS B 225 -6.60 8.76 -6.11
N ALA B 226 -6.38 7.51 -5.73
CA ALA B 226 -5.13 6.88 -6.11
C ALA B 226 -5.27 5.37 -6.10
N ARG B 227 -4.59 4.72 -7.04
CA ARG B 227 -4.30 3.30 -6.96
C ARG B 227 -2.95 3.16 -6.30
N LEU B 228 -2.92 2.67 -5.06
CA LEU B 228 -1.72 2.70 -4.25
C LEU B 228 -1.01 1.36 -4.24
N GLY B 229 0.31 1.40 -4.35
CA GLY B 229 1.12 0.23 -4.02
C GLY B 229 1.91 -0.40 -5.15
N ASN B 230 3.20 -0.59 -4.90
CA ASN B 230 4.06 -1.48 -5.69
C ASN B 230 4.05 -1.02 -7.15
N ASP B 231 4.09 -1.93 -8.12
CA ASP B 231 4.36 -1.59 -9.51
C ASP B 231 3.16 -1.00 -10.24
N MET B 232 2.05 -0.76 -9.57
CA MET B 232 0.87 -0.17 -10.21
C MET B 232 0.35 1.02 -9.40
N ASP B 233 1.27 1.86 -8.94
CA ASP B 233 0.93 3.04 -8.15
C ASP B 233 0.61 4.20 -9.09
N TYR B 234 -0.60 4.76 -8.98
CA TYR B 234 -1.05 5.87 -9.83
C TYR B 234 -1.89 6.82 -9.01
N TRP B 235 -1.63 8.12 -9.13
CA TRP B 235 -2.38 9.14 -8.41
C TRP B 235 -3.14 10.05 -9.37
N GLY B 236 -4.35 10.43 -8.98
CA GLY B 236 -5.05 11.49 -9.68
C GLY B 236 -4.39 12.83 -9.41
N GLN B 237 -4.83 13.85 -10.15
CA GLN B 237 -4.22 15.16 -9.97
C GLN B 237 -4.68 15.86 -8.70
N GLY B 238 -5.67 15.32 -8.00
CA GLY B 238 -6.16 15.93 -6.78
C GLY B 238 -7.20 17.00 -7.02
N THR B 239 -8.14 17.15 -6.08
CA THR B 239 -9.09 18.26 -6.06
C THR B 239 -8.83 19.08 -4.82
N SER B 240 -8.52 20.37 -5.01
CA SER B 240 -8.32 21.26 -3.88
C SER B 240 -9.67 21.68 -3.32
N VAL B 241 -9.92 21.38 -2.06
CA VAL B 241 -11.13 21.81 -1.37
C VAL B 241 -10.74 22.87 -0.35
N THR B 242 -11.37 24.03 -0.43
CA THR B 242 -11.19 25.10 0.54
C THR B 242 -12.53 25.38 1.20
N VAL B 243 -12.54 25.40 2.53
CA VAL B 243 -13.77 25.64 3.30
C VAL B 243 -13.68 27.02 3.92
N SER B 244 -14.68 27.85 3.66
CA SER B 244 -14.71 29.23 4.13
C SER B 244 -14.65 29.33 5.65
#